data_3GYQ
#
_entry.id   3GYQ
#
_cell.length_a   40.960
_cell.length_b   55.770
_cell.length_c   215.580
_cell.angle_alpha   90.000
_cell.angle_beta   90.000
_cell.angle_gamma   90.000
#
_symmetry.space_group_name_H-M   'P 21 21 21'
#
loop_
_entity.id
_entity.type
_entity.pdbx_description
1 polymer "rRNA (adenosine-2'-O-)-methyltransferase"
2 non-polymer S-ADENOSYLMETHIONINE
3 water water
#
_entity_poly.entity_id   1
_entity_poly.type   'polypeptide(L)'
_entity_poly.pdbx_seq_one_letter_code
;GSHMTELDTIANPSDPAVQRIIDVTKPSRSNIKTTLIEDVEPLMHSIAAGVEFIEVYGSDSSPFPSELLDLCGRQNIPVR
LIDSSIVNQLFKGERKAKTFGIARVPRPARFGDIASRRGDVVVLDGVKIVGNIGAIVRTSLALGASGIILVDSDITSIAD
RRLQRASRGYVFSLPVVLSGREEAIAFIRDSGMQLMTLKADGDISVKELGDNPDRLALLFGSEKGGPSDLFEEASSASVS
IPMMSQTESLNVSVSLGIALHERIDRNLAANR
;
_entity_poly.pdbx_strand_id   A,B
#
loop_
_chem_comp.id
_chem_comp.type
_chem_comp.name
_chem_comp.formula
SAM non-polymer S-ADENOSYLMETHIONINE 'C15 H22 N6 O5 S'
#
# COMPACT_ATOMS: atom_id res chain seq x y z
N ALA A 11 -15.78 -1.35 35.74
CA ALA A 11 -15.75 -2.80 35.65
C ALA A 11 -17.15 -3.38 35.73
N ASN A 12 -17.57 -4.06 34.67
CA ASN A 12 -18.91 -4.64 34.62
C ASN A 12 -18.99 -5.98 33.89
N PRO A 13 -19.14 -7.07 34.66
CA PRO A 13 -19.39 -8.42 34.13
C PRO A 13 -20.87 -8.73 34.09
N SER A 14 -21.72 -7.71 34.00
CA SER A 14 -23.16 -7.89 34.07
C SER A 14 -23.84 -7.78 32.70
N ASP A 15 -24.95 -8.50 32.55
CA ASP A 15 -25.75 -8.45 31.32
C ASP A 15 -27.22 -8.20 31.66
N PRO A 16 -27.88 -7.36 30.86
CA PRO A 16 -27.29 -6.63 29.74
C PRO A 16 -26.46 -5.44 30.22
N ALA A 17 -26.66 -5.05 31.49
CA ALA A 17 -25.96 -3.93 32.08
C ALA A 17 -26.09 -2.65 31.26
N VAL A 18 -26.96 -2.69 30.25
CA VAL A 18 -27.24 -1.54 29.39
C VAL A 18 -26.07 -1.16 28.49
N GLN A 19 -24.86 -1.59 28.85
CA GLN A 19 -23.68 -1.31 28.02
C GLN A 19 -23.81 -2.08 26.71
N ARG A 20 -24.86 -2.89 26.61
CA ARG A 20 -25.13 -3.71 25.44
C ARG A 20 -25.34 -2.90 24.16
N ILE A 21 -25.04 -1.61 24.20
CA ILE A 21 -25.08 -0.77 23.02
C ILE A 21 -24.03 -1.26 22.04
N ILE A 22 -22.85 -1.58 22.59
CA ILE A 22 -21.73 -2.07 21.80
C ILE A 22 -22.08 -3.34 21.03
N ASP A 23 -22.99 -4.14 21.59
CA ASP A 23 -23.37 -5.40 20.97
C ASP A 23 -24.58 -5.22 20.05
N VAL A 24 -24.83 -3.98 19.65
CA VAL A 24 -25.91 -3.67 18.72
C VAL A 24 -25.44 -2.63 17.71
N THR A 25 -24.26 -2.08 17.96
CA THR A 25 -23.67 -1.11 17.05
C THR A 25 -22.48 -1.74 16.32
N LYS A 26 -21.63 -2.43 17.06
CA LYS A 26 -20.49 -3.13 16.48
C LYS A 26 -20.96 -4.21 15.51
N PRO A 27 -21.92 -5.05 15.94
CA PRO A 27 -22.44 -6.08 15.03
C PRO A 27 -23.19 -5.46 13.87
N SER A 28 -23.28 -6.20 12.76
CA SER A 28 -24.01 -5.74 11.59
C SER A 28 -25.51 -5.84 11.82
N ARG A 29 -26.15 -4.72 12.14
CA ARG A 29 -27.56 -4.73 12.49
C ARG A 29 -28.43 -4.00 11.47
N SER A 30 -29.19 -3.02 11.93
CA SER A 30 -30.21 -2.37 11.09
C SER A 30 -29.81 -0.99 10.59
N ASN A 31 -29.59 -0.05 11.51
CA ASN A 31 -29.31 1.33 11.13
C ASN A 31 -27.82 1.66 10.99
N ILE A 32 -27.53 2.70 10.23
CA ILE A 32 -26.15 3.05 9.89
C ILE A 32 -25.62 4.23 10.69
N LYS A 33 -26.43 4.72 11.63
CA LYS A 33 -26.05 5.89 12.43
C LYS A 33 -24.73 5.71 13.18
N THR A 34 -24.81 5.31 14.44
CA THR A 34 -23.62 5.15 15.28
C THR A 34 -22.70 4.05 14.76
N THR A 35 -21.55 3.91 15.43
CA THR A 35 -20.55 2.90 15.04
C THR A 35 -19.54 2.70 16.15
N LEU A 36 -18.72 1.66 16.03
CA LEU A 36 -17.69 1.38 17.01
C LEU A 36 -16.30 1.58 16.41
N ILE A 37 -15.46 2.34 17.11
CA ILE A 37 -14.09 2.59 16.67
C ILE A 37 -13.09 1.91 17.58
N GLU A 38 -12.20 1.10 17.00
CA GLU A 38 -11.21 0.37 17.77
C GLU A 38 -9.87 1.08 17.82
N ASP A 39 -8.98 0.57 18.68
CA ASP A 39 -7.62 1.08 18.80
C ASP A 39 -7.56 2.46 19.46
N VAL A 40 -6.47 2.70 20.19
CA VAL A 40 -6.31 3.93 20.96
C VAL A 40 -6.15 5.17 20.08
N GLU A 41 -5.35 5.05 19.03
CA GLU A 41 -5.06 6.19 18.16
C GLU A 41 -6.28 6.74 17.41
N PRO A 42 -7.02 5.86 16.71
CA PRO A 42 -8.19 6.32 15.95
C PRO A 42 -9.14 7.16 16.80
N LEU A 43 -9.22 6.85 18.09
CA LEU A 43 -10.10 7.59 19.00
C LEU A 43 -9.65 9.03 19.15
N MET A 44 -8.36 9.23 19.42
CA MET A 44 -7.80 10.56 19.63
C MET A 44 -8.14 11.51 18.47
N HIS A 45 -7.76 11.11 17.25
CA HIS A 45 -7.99 11.96 16.09
C HIS A 45 -9.47 12.11 15.74
N SER A 46 -10.27 11.12 16.11
CA SER A 46 -11.71 11.19 15.89
C SER A 46 -12.32 12.31 16.72
N ILE A 47 -11.96 12.34 18.00
CA ILE A 47 -12.43 13.40 18.90
C ILE A 47 -11.73 14.71 18.57
N ALA A 48 -10.51 14.61 18.03
CA ALA A 48 -9.73 15.78 17.68
C ALA A 48 -10.18 16.38 16.35
N ALA A 49 -11.38 16.00 15.92
CA ALA A 49 -11.95 16.53 14.68
C ALA A 49 -13.32 17.14 14.92
N GLY A 50 -14.19 16.39 15.57
CA GLY A 50 -15.54 16.86 15.86
C GLY A 50 -16.54 15.73 16.06
N VAL A 51 -16.02 14.51 16.16
CA VAL A 51 -16.87 13.34 16.35
C VAL A 51 -17.38 13.26 17.79
N GLU A 52 -18.55 12.68 17.97
CA GLU A 52 -19.16 12.56 19.29
C GLU A 52 -19.23 11.10 19.73
N PHE A 53 -18.64 10.81 20.88
CA PHE A 53 -18.61 9.44 21.39
C PHE A 53 -19.60 9.22 22.53
N ILE A 54 -20.50 8.25 22.34
CA ILE A 54 -21.46 7.89 23.37
C ILE A 54 -20.74 7.47 24.64
N GLU A 55 -19.73 6.61 24.49
CA GLU A 55 -18.93 6.16 25.62
C GLU A 55 -17.71 5.36 25.16
N VAL A 56 -16.61 5.51 25.87
CA VAL A 56 -15.38 4.79 25.58
C VAL A 56 -15.10 3.73 26.64
N TYR A 57 -14.71 2.55 26.21
CA TYR A 57 -14.42 1.45 27.13
C TYR A 57 -12.93 1.09 27.10
N GLY A 58 -12.55 0.09 27.87
CA GLY A 58 -11.15 -0.34 27.93
C GLY A 58 -10.95 -1.65 28.64
N SER A 59 -9.93 -2.40 28.22
CA SER A 59 -9.63 -3.70 28.83
C SER A 59 -9.03 -3.54 30.22
N ASP A 60 -9.51 -4.35 31.16
CA ASP A 60 -9.10 -4.23 32.56
C ASP A 60 -7.64 -4.60 32.79
N SER A 61 -7.30 -5.88 32.65
CA SER A 61 -5.93 -6.34 32.85
C SER A 61 -5.02 -5.85 31.74
N SER A 62 -4.96 -4.53 31.61
CA SER A 62 -4.16 -3.87 30.59
C SER A 62 -4.25 -2.37 30.80
N PRO A 63 -3.15 -1.76 31.29
CA PRO A 63 -3.08 -0.35 31.65
C PRO A 63 -3.87 0.55 30.71
N PHE A 64 -4.56 1.53 31.27
CA PHE A 64 -5.38 2.45 30.48
C PHE A 64 -4.55 3.66 30.04
N PRO A 65 -4.74 4.08 28.78
CA PRO A 65 -3.98 5.21 28.22
C PRO A 65 -4.43 6.56 28.77
N SER A 66 -3.74 7.04 29.80
CA SER A 66 -4.02 8.36 30.36
C SER A 66 -3.72 9.43 29.32
N GLU A 67 -4.68 10.34 29.15
CA GLU A 67 -4.69 11.36 28.10
C GLU A 67 -6.00 11.24 27.35
N LEU A 68 -6.35 10.00 27.02
CA LEU A 68 -7.65 9.70 26.45
C LEU A 68 -8.70 10.22 27.43
N LEU A 69 -8.35 10.18 28.71
CA LEU A 69 -9.22 10.66 29.78
C LEU A 69 -9.35 12.18 29.74
N ASP A 70 -8.23 12.86 29.54
CA ASP A 70 -8.22 14.31 29.48
C ASP A 70 -9.06 14.82 28.32
N LEU A 71 -8.88 14.20 27.16
CA LEU A 71 -9.62 14.58 25.97
C LEU A 71 -11.02 13.96 25.96
N CYS A 72 -11.37 13.28 27.04
CA CYS A 72 -12.71 12.73 27.22
C CYS A 72 -13.40 13.37 28.42
N GLY A 73 -12.65 14.16 29.16
CA GLY A 73 -13.18 14.88 30.30
C GLY A 73 -13.54 16.30 29.92
N ARG A 74 -12.78 16.86 28.99
CA ARG A 74 -13.01 18.22 28.52
C ARG A 74 -14.05 18.25 27.40
N GLN A 75 -14.46 17.06 26.95
CA GLN A 75 -15.49 16.95 25.93
C GLN A 75 -16.68 16.16 26.48
N ASN A 76 -16.68 15.96 27.80
CA ASN A 76 -17.69 15.15 28.47
C ASN A 76 -17.96 13.82 27.78
N ILE A 77 -16.93 12.99 27.70
CA ILE A 77 -17.03 11.65 27.15
C ILE A 77 -16.68 10.63 28.24
N PRO A 78 -17.65 9.80 28.64
CA PRO A 78 -17.46 8.85 29.74
C PRO A 78 -16.58 7.66 29.35
N VAL A 79 -15.91 7.09 30.34
CA VAL A 79 -15.04 5.93 30.13
C VAL A 79 -15.21 4.89 31.22
N ARG A 80 -15.34 3.63 30.83
CA ARG A 80 -15.53 2.55 31.78
C ARG A 80 -14.67 1.33 31.40
N LEU A 81 -14.16 0.64 32.42
CA LEU A 81 -13.31 -0.52 32.20
C LEU A 81 -14.12 -1.80 32.03
N ILE A 82 -13.76 -2.57 31.02
CA ILE A 82 -14.36 -3.88 30.80
C ILE A 82 -13.36 -4.95 31.22
N ASP A 83 -13.86 -6.16 31.50
CA ASP A 83 -12.98 -7.26 31.88
C ASP A 83 -12.46 -8.00 30.65
N SER A 84 -11.21 -8.47 30.73
CA SER A 84 -10.56 -9.13 29.61
C SER A 84 -11.28 -10.41 29.18
N SER A 85 -12.20 -10.86 30.02
CA SER A 85 -13.01 -12.03 29.69
C SER A 85 -14.17 -11.62 28.79
N ILE A 86 -14.58 -10.36 28.89
CA ILE A 86 -15.65 -9.82 28.05
C ILE A 86 -15.07 -8.97 26.91
N VAL A 87 -13.95 -8.32 27.18
CA VAL A 87 -13.25 -7.56 26.15
C VAL A 87 -12.93 -8.47 24.97
N ASN A 88 -12.62 -9.72 25.27
CA ASN A 88 -12.33 -10.71 24.24
C ASN A 88 -13.53 -11.59 23.94
N GLN A 89 -14.58 -11.41 24.73
CA GLN A 89 -15.86 -12.07 24.49
C GLN A 89 -16.48 -11.53 23.21
N LEU A 90 -15.91 -10.43 22.71
CA LEU A 90 -16.44 -9.76 21.53
C LEU A 90 -15.36 -9.49 20.48
N PHE A 91 -14.17 -10.07 20.68
CA PHE A 91 -13.03 -9.77 19.82
C PHE A 91 -12.30 -10.99 19.28
N LYS A 92 -11.27 -10.73 18.46
CA LYS A 92 -10.41 -11.76 17.90
C LYS A 92 -9.23 -11.12 17.17
N GLY A 93 -8.01 -11.41 17.63
CA GLY A 93 -6.83 -10.82 17.02
C GLY A 93 -5.54 -11.13 17.76
N GLU A 94 -4.94 -10.14 18.44
CA GLU A 94 -5.43 -8.77 18.57
C GLU A 94 -6.94 -8.53 18.43
N ARG A 95 -7.74 -8.83 19.45
CA ARG A 95 -7.33 -9.27 20.79
C ARG A 95 -6.82 -8.14 21.69
N LYS A 96 -5.88 -7.35 21.20
CA LYS A 96 -5.39 -6.22 21.98
C LYS A 96 -5.72 -4.87 21.34
N ALA A 97 -6.85 -4.81 20.64
CA ALA A 97 -7.36 -3.53 20.18
C ALA A 97 -7.41 -2.62 21.39
N LYS A 98 -7.68 -3.24 22.55
CA LYS A 98 -7.62 -2.58 23.85
C LYS A 98 -8.60 -1.43 24.01
N THR A 99 -8.34 -0.32 23.32
CA THR A 99 -9.10 0.91 23.52
C THR A 99 -10.08 1.19 22.40
N PHE A 100 -11.36 1.18 22.73
CA PHE A 100 -12.42 1.44 21.75
C PHE A 100 -13.52 2.31 22.34
N GLY A 101 -14.57 2.54 21.57
CA GLY A 101 -15.68 3.36 22.03
C GLY A 101 -16.66 3.71 20.92
N ILE A 102 -17.95 3.69 21.25
CA ILE A 102 -18.99 4.01 20.29
C ILE A 102 -18.98 5.49 19.94
N ALA A 103 -19.28 5.81 18.69
CA ALA A 103 -19.30 7.19 18.22
C ALA A 103 -20.48 7.43 17.28
N ARG A 104 -20.78 8.71 17.04
CA ARG A 104 -21.87 9.08 16.14
C ARG A 104 -21.32 9.55 14.80
N VAL A 105 -21.72 8.87 13.72
CA VAL A 105 -21.27 9.22 12.39
C VAL A 105 -21.66 10.65 12.03
N PRO A 106 -20.66 11.49 11.74
CA PRO A 106 -20.89 12.90 11.37
C PRO A 106 -21.56 13.01 10.01
N ARG A 107 -22.12 14.18 9.70
CA ARG A 107 -22.71 14.42 8.39
C ARG A 107 -21.67 14.16 7.31
N PRO A 108 -22.12 13.84 6.09
CA PRO A 108 -21.21 13.66 4.96
C PRO A 108 -20.32 14.89 4.78
N ALA A 109 -19.06 14.67 4.41
CA ALA A 109 -18.12 15.77 4.22
C ALA A 109 -18.53 16.65 3.05
N ARG A 110 -18.19 17.93 3.12
CA ARG A 110 -18.49 18.87 2.05
C ARG A 110 -17.22 19.54 1.54
N PHE A 111 -17.27 20.04 0.30
CA PHE A 111 -16.13 20.71 -0.30
C PHE A 111 -15.65 21.86 0.58
N GLY A 112 -16.58 22.48 1.29
CA GLY A 112 -16.25 23.59 2.18
C GLY A 112 -15.33 23.17 3.31
N ASP A 113 -15.56 21.98 3.85
CA ASP A 113 -14.72 21.46 4.93
C ASP A 113 -13.25 21.49 4.54
N ILE A 114 -12.95 20.99 3.34
CA ILE A 114 -11.60 20.99 2.83
C ILE A 114 -11.13 22.41 2.52
N ALA A 115 -12.00 23.18 1.89
CA ALA A 115 -11.67 24.54 1.47
C ALA A 115 -11.35 25.45 2.65
N SER A 116 -11.76 25.04 3.85
CA SER A 116 -11.51 25.83 5.05
C SER A 116 -10.20 25.40 5.72
N ARG A 117 -9.94 24.10 5.70
CA ARG A 117 -8.69 23.56 6.24
C ARG A 117 -7.53 23.91 5.30
N ARG A 118 -6.31 23.74 5.80
CA ARG A 118 -5.12 24.04 5.01
C ARG A 118 -4.38 22.76 4.63
N GLY A 119 -3.51 22.88 3.63
CA GLY A 119 -2.75 21.73 3.15
C GLY A 119 -3.23 21.26 1.80
N ASP A 120 -2.36 20.58 1.06
CA ASP A 120 -2.70 20.07 -0.26
C ASP A 120 -3.92 19.16 -0.20
N VAL A 121 -4.67 19.13 -1.30
CA VAL A 121 -5.88 18.30 -1.39
C VAL A 121 -5.61 17.07 -2.26
N VAL A 122 -6.09 15.92 -1.81
CA VAL A 122 -5.92 14.68 -2.55
C VAL A 122 -7.20 14.31 -3.29
N VAL A 123 -7.07 14.00 -4.58
CA VAL A 123 -8.21 13.63 -5.40
C VAL A 123 -7.99 12.30 -6.09
N LEU A 124 -8.85 11.33 -5.80
CA LEU A 124 -8.75 10.01 -6.42
C LEU A 124 -9.84 9.84 -7.47
N ASP A 125 -9.45 9.30 -8.63
CA ASP A 125 -10.38 9.12 -9.73
C ASP A 125 -10.47 7.66 -10.16
N GLY A 126 -11.60 7.03 -9.87
CA GLY A 126 -11.83 5.66 -10.28
C GLY A 126 -11.31 4.63 -9.29
N VAL A 127 -10.68 5.10 -8.23
CA VAL A 127 -10.16 4.20 -7.20
C VAL A 127 -11.31 3.55 -6.43
N LYS A 128 -11.49 2.25 -6.62
CA LYS A 128 -12.63 1.54 -6.05
C LYS A 128 -12.21 0.59 -4.94
N ILE A 129 -11.04 -0.03 -5.09
CA ILE A 129 -10.53 -0.96 -4.09
C ILE A 129 -10.38 -0.27 -2.74
N VAL A 130 -11.20 -0.69 -1.78
CA VAL A 130 -11.20 -0.07 -0.46
C VAL A 130 -9.86 -0.20 0.27
N GLY A 131 -9.14 -1.28 -0.02
CA GLY A 131 -7.83 -1.49 0.58
C GLY A 131 -6.93 -0.29 0.37
N ASN A 132 -6.90 0.20 -0.86
CA ASN A 132 -6.10 1.37 -1.19
C ASN A 132 -6.67 2.65 -0.58
N ILE A 133 -7.96 2.87 -0.80
CA ILE A 133 -8.63 4.06 -0.28
C ILE A 133 -8.37 4.22 1.21
N GLY A 134 -8.51 3.13 1.96
CA GLY A 134 -8.25 3.14 3.39
C GLY A 134 -6.83 3.55 3.72
N ALA A 135 -5.86 2.90 3.08
CA ALA A 135 -4.45 3.21 3.30
C ALA A 135 -4.14 4.64 2.87
N ILE A 136 -4.81 5.08 1.80
CA ILE A 136 -4.65 6.44 1.30
C ILE A 136 -5.14 7.46 2.32
N VAL A 137 -6.16 7.08 3.09
CA VAL A 137 -6.66 7.95 4.16
C VAL A 137 -5.60 8.14 5.24
N ARG A 138 -5.08 7.05 5.76
CA ARG A 138 -4.03 7.10 6.78
C ARG A 138 -2.88 7.99 6.34
N THR A 139 -2.41 7.78 5.11
CA THR A 139 -1.27 8.52 4.58
C THR A 139 -1.58 10.01 4.48
N SER A 140 -2.75 10.35 3.95
CA SER A 140 -3.16 11.74 3.83
C SER A 140 -3.22 12.40 5.20
N LEU A 141 -3.85 11.72 6.14
CA LEU A 141 -3.94 12.21 7.51
C LEU A 141 -2.56 12.42 8.11
N ALA A 142 -1.75 11.38 8.08
CA ALA A 142 -0.42 11.42 8.69
C ALA A 142 0.52 12.44 8.07
N LEU A 143 0.36 12.69 6.77
CA LEU A 143 1.25 13.60 6.06
C LEU A 143 0.65 15.00 5.87
N GLY A 144 -0.43 15.29 6.58
CA GLY A 144 -1.01 16.62 6.60
C GLY A 144 -1.70 17.04 5.33
N ALA A 145 -2.67 16.25 4.89
CA ALA A 145 -3.51 16.61 3.75
C ALA A 145 -4.80 17.23 4.25
N SER A 146 -5.24 18.29 3.58
CA SER A 146 -6.46 18.99 3.98
C SER A 146 -7.69 18.09 3.91
N GLY A 147 -7.75 17.26 2.87
CA GLY A 147 -8.87 16.36 2.68
C GLY A 147 -8.77 15.55 1.42
N ILE A 148 -9.66 14.57 1.26
CA ILE A 148 -9.66 13.69 0.11
C ILE A 148 -10.98 13.75 -0.66
N ILE A 149 -10.88 13.81 -1.98
CA ILE A 149 -12.07 13.79 -2.84
C ILE A 149 -12.15 12.45 -3.58
N LEU A 150 -13.14 11.63 -3.22
CA LEU A 150 -13.29 10.32 -3.84
C LEU A 150 -14.25 10.36 -5.02
N VAL A 151 -13.70 10.45 -6.22
CA VAL A 151 -14.50 10.48 -7.44
C VAL A 151 -14.63 9.07 -8.02
N ASP A 152 -15.87 8.64 -8.25
CA ASP A 152 -16.14 7.34 -8.84
C ASP A 152 -15.42 6.23 -8.07
N SER A 153 -15.79 6.05 -6.81
CA SER A 153 -15.17 5.03 -5.97
C SER A 153 -16.14 3.91 -5.64
N ASP A 154 -17.39 4.07 -6.09
CA ASP A 154 -18.43 3.10 -5.80
C ASP A 154 -18.70 2.96 -4.30
N ILE A 155 -18.28 3.97 -3.54
CA ILE A 155 -18.55 4.01 -2.11
C ILE A 155 -19.78 4.87 -1.83
N THR A 156 -20.83 4.24 -1.30
CA THR A 156 -22.09 4.93 -1.09
C THR A 156 -22.07 5.81 0.16
N SER A 157 -21.16 5.51 1.08
CA SER A 157 -21.07 6.25 2.33
C SER A 157 -19.76 6.01 3.04
N ILE A 158 -19.13 7.09 3.50
CA ILE A 158 -17.88 6.99 4.27
C ILE A 158 -18.06 6.05 5.47
N ALA A 159 -19.28 6.00 5.98
CA ALA A 159 -19.59 5.16 7.14
C ALA A 159 -19.32 3.68 6.89
N ASP A 160 -19.54 3.25 5.64
CA ASP A 160 -19.34 1.85 5.24
C ASP A 160 -18.33 1.13 6.14
N ARG A 161 -18.79 0.08 6.82
CA ARG A 161 -17.96 -0.63 7.79
C ARG A 161 -16.65 -1.15 7.20
N ARG A 162 -16.61 -1.31 5.89
CA ARG A 162 -15.42 -1.81 5.23
C ARG A 162 -14.41 -0.71 4.94
N LEU A 163 -14.90 0.52 4.78
CA LEU A 163 -14.02 1.67 4.60
C LEU A 163 -13.44 2.09 5.95
N GLN A 164 -14.21 1.87 7.01
CA GLN A 164 -13.75 2.15 8.36
C GLN A 164 -12.62 1.20 8.72
N ARG A 165 -12.88 -0.09 8.56
CA ARG A 165 -11.91 -1.12 8.92
C ARG A 165 -10.64 -1.01 8.09
N ALA A 166 -10.79 -0.63 6.82
CA ALA A 166 -9.66 -0.46 5.93
C ALA A 166 -8.88 0.81 6.28
N SER A 167 -9.55 1.73 6.98
CA SER A 167 -8.92 2.99 7.39
C SER A 167 -8.52 2.94 8.86
N ARG A 168 -8.65 1.77 9.48
CA ARG A 168 -8.31 1.60 10.89
C ARG A 168 -9.21 2.43 11.81
N GLY A 169 -10.08 3.23 11.20
CA GLY A 169 -10.98 4.08 11.96
C GLY A 169 -10.61 5.55 11.84
N TYR A 170 -9.67 5.85 10.95
CA TYR A 170 -9.23 7.23 10.74
C TYR A 170 -10.09 7.95 9.71
N VAL A 171 -11.10 7.25 9.19
CA VAL A 171 -11.93 7.79 8.12
C VAL A 171 -12.67 9.07 8.53
N PHE A 172 -12.85 9.26 9.83
CA PHE A 172 -13.54 10.43 10.34
C PHE A 172 -12.58 11.44 10.96
N SER A 173 -11.33 11.42 10.51
CA SER A 173 -10.31 12.32 11.05
C SER A 173 -10.00 13.47 10.09
N LEU A 174 -10.54 13.38 8.88
CA LEU A 174 -10.35 14.43 7.89
C LEU A 174 -11.46 14.36 6.84
N PRO A 175 -11.77 15.50 6.19
CA PRO A 175 -12.84 15.57 5.21
C PRO A 175 -12.65 14.60 4.05
N VAL A 176 -13.45 13.54 4.02
CA VAL A 176 -13.46 12.61 2.90
C VAL A 176 -14.74 12.81 2.09
N VAL A 177 -14.62 13.46 0.95
CA VAL A 177 -15.79 13.85 0.16
C VAL A 177 -16.03 12.96 -1.05
N LEU A 178 -17.19 12.31 -1.08
CA LEU A 178 -17.64 11.60 -2.26
C LEU A 178 -18.18 12.64 -3.23
N SER A 179 -17.86 12.48 -4.52
CA SER A 179 -18.25 13.48 -5.51
C SER A 179 -18.22 12.96 -6.94
N GLY A 180 -18.92 13.67 -7.82
CA GLY A 180 -18.88 13.38 -9.24
C GLY A 180 -17.69 14.08 -9.87
N ARG A 181 -17.32 13.67 -11.09
CA ARG A 181 -16.14 14.21 -11.75
C ARG A 181 -16.27 15.70 -12.02
N GLU A 182 -17.43 16.13 -12.50
CA GLU A 182 -17.67 17.53 -12.82
C GLU A 182 -17.68 18.39 -11.56
N GLU A 183 -18.27 17.84 -10.49
CA GLU A 183 -18.38 18.54 -9.23
C GLU A 183 -17.00 18.86 -8.66
N ALA A 184 -16.10 17.89 -8.74
CA ALA A 184 -14.75 18.05 -8.23
C ALA A 184 -13.93 19.00 -9.10
N ILE A 185 -14.08 18.88 -10.41
CA ILE A 185 -13.38 19.74 -11.36
C ILE A 185 -13.75 21.21 -11.16
N ALA A 186 -15.03 21.44 -10.86
CA ALA A 186 -15.53 22.79 -10.68
C ALA A 186 -15.02 23.42 -9.39
N PHE A 187 -14.96 22.61 -8.33
CA PHE A 187 -14.53 23.09 -7.02
C PHE A 187 -13.06 23.50 -6.99
N ILE A 188 -12.24 22.84 -7.81
CA ILE A 188 -10.81 23.10 -7.81
C ILE A 188 -10.46 24.39 -8.55
N ARG A 189 -11.23 24.68 -9.60
CA ARG A 189 -11.04 25.90 -10.36
C ARG A 189 -11.45 27.13 -9.56
N ASP A 190 -12.60 27.04 -8.90
CA ASP A 190 -13.15 28.16 -8.15
C ASP A 190 -12.42 28.39 -6.83
N SER A 191 -11.51 27.49 -6.49
CA SER A 191 -10.75 27.60 -5.25
C SER A 191 -9.36 28.18 -5.51
N GLY A 192 -8.98 28.26 -6.77
CA GLY A 192 -7.71 28.84 -7.15
C GLY A 192 -6.53 27.89 -7.03
N MET A 193 -6.78 26.71 -6.48
CA MET A 193 -5.72 25.72 -6.30
C MET A 193 -5.15 25.26 -7.63
N GLN A 194 -3.85 25.01 -7.66
CA GLN A 194 -3.18 24.50 -8.85
C GLN A 194 -3.28 22.98 -8.90
N LEU A 195 -3.92 22.48 -9.95
CA LEU A 195 -4.14 21.04 -10.08
C LEU A 195 -2.94 20.31 -10.68
N MET A 196 -2.48 19.28 -10.00
CA MET A 196 -1.34 18.48 -10.46
C MET A 196 -1.77 17.04 -10.69
N THR A 197 -1.61 16.57 -11.93
CA THR A 197 -1.95 15.19 -12.26
C THR A 197 -0.70 14.31 -12.23
N LEU A 198 -0.67 13.35 -11.31
CA LEU A 198 0.46 12.44 -11.21
C LEU A 198 0.32 11.26 -12.16
N LYS A 199 1.37 11.01 -12.93
CA LYS A 199 1.37 9.91 -13.88
C LYS A 199 2.82 9.50 -14.18
N ALA A 200 3.02 8.22 -14.47
CA ALA A 200 4.36 7.68 -14.73
C ALA A 200 5.11 8.43 -15.81
N ASP A 201 4.38 8.95 -16.80
CA ASP A 201 5.00 9.70 -17.89
C ASP A 201 4.68 11.19 -17.81
N GLY A 202 4.67 11.72 -16.59
CA GLY A 202 4.43 13.14 -16.36
C GLY A 202 5.62 13.96 -16.81
N ASP A 203 5.39 15.26 -17.03
CA ASP A 203 6.44 16.16 -17.49
C ASP A 203 7.33 16.63 -16.36
N ILE A 204 6.72 16.95 -15.22
CA ILE A 204 7.46 17.44 -14.06
C ILE A 204 7.83 16.29 -13.12
N SER A 205 8.99 16.39 -12.51
CA SER A 205 9.43 15.39 -11.53
C SER A 205 8.76 15.63 -10.19
N VAL A 206 8.50 14.56 -9.46
CA VAL A 206 7.81 14.66 -8.18
C VAL A 206 8.68 15.40 -7.16
N LYS A 207 9.99 15.39 -7.40
CA LYS A 207 10.93 16.05 -6.51
C LYS A 207 10.78 17.57 -6.57
N GLU A 208 10.24 18.07 -7.68
CA GLU A 208 10.11 19.49 -7.90
C GLU A 208 8.84 20.08 -7.29
N LEU A 209 8.03 19.22 -6.67
CA LEU A 209 6.76 19.66 -6.11
C LEU A 209 6.97 20.56 -4.89
N GLY A 210 7.94 20.22 -4.07
CA GLY A 210 8.23 21.00 -2.87
C GLY A 210 8.58 22.44 -3.17
N ASP A 211 8.97 22.72 -4.41
CA ASP A 211 9.34 24.07 -4.81
C ASP A 211 8.13 24.96 -5.03
N ASN A 212 7.00 24.35 -5.38
CA ASN A 212 5.77 25.11 -5.63
C ASN A 212 5.20 25.73 -4.36
N PRO A 213 5.13 27.08 -4.33
CA PRO A 213 4.65 27.84 -3.17
C PRO A 213 3.14 27.77 -2.99
N ASP A 214 2.42 27.52 -4.07
CA ASP A 214 0.96 27.44 -4.02
C ASP A 214 0.48 26.15 -3.36
N ARG A 215 -0.70 26.22 -2.75
CA ARG A 215 -1.37 25.02 -2.25
C ARG A 215 -1.77 24.17 -3.45
N LEU A 216 -1.52 22.87 -3.36
CA LEU A 216 -1.73 21.98 -4.50
C LEU A 216 -2.92 21.03 -4.35
N ALA A 217 -3.47 20.63 -5.50
CA ALA A 217 -4.49 19.59 -5.56
C ALA A 217 -3.94 18.40 -6.34
N LEU A 218 -3.61 17.34 -5.61
CA LEU A 218 -2.95 16.19 -6.22
C LEU A 218 -3.96 15.17 -6.72
N LEU A 219 -3.88 14.84 -8.01
CA LEU A 219 -4.82 13.92 -8.64
C LEU A 219 -4.18 12.58 -8.98
N PHE A 220 -4.87 11.50 -8.63
CA PHE A 220 -4.41 10.15 -8.92
C PHE A 220 -5.52 9.33 -9.56
N GLY A 221 -5.20 8.62 -10.63
CA GLY A 221 -6.16 7.74 -11.28
C GLY A 221 -6.12 6.35 -10.68
N SER A 222 -6.89 5.44 -11.26
CA SER A 222 -6.90 4.06 -10.80
C SER A 222 -6.16 3.17 -11.79
N GLU A 223 -6.06 3.64 -13.03
CA GLU A 223 -5.40 2.90 -14.10
C GLU A 223 -4.02 3.46 -14.38
N LYS A 224 -3.21 2.69 -15.09
CA LYS A 224 -1.93 3.19 -15.58
C LYS A 224 -2.21 4.15 -16.73
N GLY A 225 -3.38 4.01 -17.32
CA GLY A 225 -3.84 4.91 -18.36
C GLY A 225 -4.76 5.99 -17.80
N GLY A 226 -4.85 6.04 -16.47
CA GLY A 226 -5.63 7.07 -15.81
C GLY A 226 -4.75 8.24 -15.40
N PRO A 227 -5.35 9.27 -14.78
CA PRO A 227 -6.79 9.37 -14.50
C PRO A 227 -7.58 9.78 -15.74
N SER A 228 -8.90 9.83 -15.60
CA SER A 228 -9.77 10.24 -16.69
C SER A 228 -9.25 11.51 -17.36
N ASP A 229 -9.02 11.43 -18.66
CA ASP A 229 -8.47 12.54 -19.43
C ASP A 229 -9.37 13.78 -19.41
N LEU A 230 -10.53 13.67 -18.77
CA LEU A 230 -11.44 14.80 -18.65
C LEU A 230 -10.96 15.77 -17.56
N PHE A 231 -9.92 15.36 -16.84
CA PHE A 231 -9.31 16.22 -15.83
C PHE A 231 -8.19 17.05 -16.43
N GLU A 232 -7.90 16.82 -17.70
CA GLU A 232 -6.76 17.46 -18.37
C GLU A 232 -6.83 18.98 -18.39
N GLU A 233 -7.90 19.54 -18.94
CA GLU A 233 -8.06 20.99 -19.01
C GLU A 233 -7.77 21.65 -17.66
N ALA A 234 -8.41 21.13 -16.61
CA ALA A 234 -8.21 21.66 -15.27
C ALA A 234 -6.78 21.44 -14.81
N SER A 235 -6.22 20.28 -15.14
CA SER A 235 -4.85 19.97 -14.79
C SER A 235 -3.87 20.92 -15.46
N SER A 236 -3.04 21.58 -14.65
CA SER A 236 -2.09 22.55 -15.16
C SER A 236 -0.68 21.98 -15.26
N ALA A 237 -0.53 20.71 -14.87
CA ALA A 237 0.77 20.05 -14.91
C ALA A 237 0.67 18.56 -14.61
N SER A 238 1.59 17.78 -15.19
CA SER A 238 1.66 16.35 -14.94
C SER A 238 2.93 16.02 -14.17
N VAL A 239 2.80 15.20 -13.13
CA VAL A 239 3.94 14.88 -12.26
C VAL A 239 4.30 13.40 -12.31
N SER A 240 5.59 13.12 -12.47
CA SER A 240 6.07 11.75 -12.59
C SER A 240 7.07 11.38 -11.51
N ILE A 241 6.89 10.20 -10.93
CA ILE A 241 7.82 9.67 -9.94
C ILE A 241 8.85 8.78 -10.65
N PRO A 242 10.14 9.13 -10.51
CA PRO A 242 11.22 8.38 -11.15
C PRO A 242 11.25 6.92 -10.71
N MET A 243 11.47 6.03 -11.67
CA MET A 243 11.59 4.60 -11.39
C MET A 243 12.74 4.05 -12.20
N MET A 244 13.06 2.77 -12.02
CA MET A 244 14.10 2.13 -12.80
C MET A 244 13.79 2.26 -14.30
N SER A 245 12.51 2.44 -14.58
CA SER A 245 12.05 2.66 -15.95
C SER A 245 10.56 3.02 -15.92
N GLN A 246 10.19 4.08 -16.61
CA GLN A 246 8.81 4.54 -16.63
C GLN A 246 7.90 3.55 -17.36
N THR A 247 8.47 2.41 -17.75
CA THR A 247 7.72 1.37 -18.44
C THR A 247 6.74 0.70 -17.49
N GLU A 248 6.97 0.87 -16.20
CA GLU A 248 6.12 0.27 -15.17
C GLU A 248 5.31 1.34 -14.46
N SER A 249 4.85 1.04 -13.26
CA SER A 249 4.07 2.00 -12.49
C SER A 249 3.93 1.59 -11.01
N LEU A 250 3.75 2.59 -10.16
CA LEU A 250 3.66 2.37 -8.72
C LEU A 250 2.21 2.19 -8.26
N ASN A 251 2.04 1.50 -7.13
CA ASN A 251 0.73 1.38 -6.50
C ASN A 251 0.20 2.75 -6.13
N VAL A 252 -1.12 2.93 -6.18
CA VAL A 252 -1.72 4.24 -5.97
C VAL A 252 -1.39 4.84 -4.60
N SER A 253 -1.46 4.02 -3.55
CA SER A 253 -1.19 4.50 -2.20
C SER A 253 0.29 4.85 -2.03
N VAL A 254 1.16 4.06 -2.66
CA VAL A 254 2.60 4.32 -2.62
C VAL A 254 2.93 5.61 -3.37
N SER A 255 2.31 5.78 -4.52
CA SER A 255 2.48 6.99 -5.32
C SER A 255 2.05 8.21 -4.51
N LEU A 256 0.93 8.09 -3.79
CA LEU A 256 0.43 9.16 -2.96
C LEU A 256 1.41 9.51 -1.84
N GLY A 257 1.86 8.48 -1.13
CA GLY A 257 2.80 8.66 -0.03
C GLY A 257 4.02 9.45 -0.45
N ILE A 258 4.62 9.06 -1.57
CA ILE A 258 5.78 9.74 -2.10
C ILE A 258 5.45 11.18 -2.48
N ALA A 259 4.28 11.37 -3.10
CA ALA A 259 3.83 12.70 -3.53
C ALA A 259 3.72 13.65 -2.34
N LEU A 260 3.02 13.21 -1.30
CA LEU A 260 2.85 14.02 -0.10
C LEU A 260 4.16 14.19 0.66
N HIS A 261 4.99 13.14 0.63
CA HIS A 261 6.29 13.18 1.28
C HIS A 261 7.12 14.35 0.78
N GLU A 262 7.05 14.59 -0.52
CA GLU A 262 7.78 15.69 -1.14
C GLU A 262 7.16 17.04 -0.81
N ARG A 263 5.94 17.01 -0.27
CA ARG A 263 5.21 18.23 0.08
C ARG A 263 5.14 18.41 1.60
N ILE A 264 5.85 17.56 2.33
CA ILE A 264 5.76 17.54 3.79
C ILE A 264 6.06 18.89 4.43
N ASP A 265 6.98 19.65 3.83
CA ASP A 265 7.34 20.97 4.35
C ASP A 265 6.23 21.99 4.13
N ARG A 266 5.52 21.86 3.01
CA ARG A 266 4.43 22.78 2.69
C ARG A 266 3.18 22.46 3.49
N ASN A 267 2.99 21.18 3.81
CA ASN A 267 1.81 20.76 4.55
C ASN A 267 2.01 20.90 6.06
N LEU A 268 3.27 20.85 6.49
CA LEU A 268 3.60 21.21 7.87
C LEU A 268 3.48 22.72 7.99
N ALA A 269 3.57 23.40 6.86
CA ALA A 269 3.44 24.86 6.81
C ALA A 269 1.98 25.28 6.80
N ALA A 270 1.09 24.32 6.57
CA ALA A 270 -0.34 24.60 6.45
C ALA A 270 -1.12 24.17 7.68
N ASN A 271 -0.41 23.63 8.68
CA ASN A 271 -1.07 23.19 9.91
C ASN A 271 -0.67 24.06 11.11
N ALA B 11 -0.69 -19.47 -35.46
CA ALA B 11 -1.61 -19.21 -34.35
C ALA B 11 -2.56 -20.37 -34.13
N ASN B 12 -3.14 -20.46 -32.95
CA ASN B 12 -4.10 -21.51 -32.65
C ASN B 12 -5.47 -20.96 -32.26
N PRO B 13 -6.50 -21.27 -33.05
CA PRO B 13 -7.87 -20.84 -32.79
C PRO B 13 -8.79 -21.98 -32.35
N SER B 14 -8.32 -23.22 -32.48
CA SER B 14 -9.16 -24.38 -32.22
C SER B 14 -9.18 -24.78 -30.74
N ASP B 15 -9.55 -26.03 -30.47
CA ASP B 15 -9.68 -26.52 -29.11
C ASP B 15 -9.56 -28.04 -29.03
N PRO B 16 -8.49 -28.53 -28.38
CA PRO B 16 -7.37 -27.70 -27.92
C PRO B 16 -6.21 -27.79 -28.90
N ALA B 17 -5.46 -28.88 -28.81
CA ALA B 17 -4.30 -29.16 -29.67
C ALA B 17 -3.24 -29.90 -28.87
N VAL B 18 -3.01 -29.38 -27.66
CA VAL B 18 -1.93 -29.80 -26.76
C VAL B 18 -1.69 -28.58 -25.89
N GLN B 19 -2.27 -27.47 -26.35
CA GLN B 19 -2.27 -26.21 -25.62
C GLN B 19 -2.94 -26.37 -24.25
N ARG B 20 -3.69 -27.45 -24.08
CA ARG B 20 -4.41 -27.72 -22.84
C ARG B 20 -3.58 -27.41 -21.60
N ILE B 21 -2.26 -27.44 -21.76
CA ILE B 21 -1.35 -27.10 -20.68
C ILE B 21 -1.73 -25.78 -20.02
N ILE B 22 -2.01 -24.78 -20.84
CA ILE B 22 -2.41 -23.46 -20.33
C ILE B 22 -3.61 -23.59 -19.40
N ASP B 23 -4.57 -24.42 -19.81
CA ASP B 23 -5.80 -24.62 -19.06
C ASP B 23 -5.55 -25.52 -17.84
N VAL B 24 -4.31 -25.93 -17.66
CA VAL B 24 -3.93 -26.78 -16.54
C VAL B 24 -3.16 -25.98 -15.48
N THR B 25 -2.23 -25.16 -15.95
CA THR B 25 -1.37 -24.40 -15.03
C THR B 25 -2.06 -23.15 -14.49
N LYS B 26 -3.25 -22.86 -15.00
CA LYS B 26 -3.95 -21.63 -14.63
C LYS B 26 -5.00 -21.84 -13.54
N PRO B 27 -5.93 -22.79 -13.74
CA PRO B 27 -6.99 -23.02 -12.75
C PRO B 27 -6.42 -23.39 -11.38
N SER B 28 -7.31 -23.59 -10.41
CA SER B 28 -6.90 -23.99 -9.07
C SER B 28 -6.42 -25.44 -9.05
N ARG B 29 -5.65 -25.82 -10.06
CA ARG B 29 -5.11 -27.17 -10.16
C ARG B 29 -4.12 -27.43 -9.03
N SER B 30 -3.12 -28.26 -9.32
CA SER B 30 -2.13 -28.63 -8.31
C SER B 30 -0.69 -28.43 -8.79
N ASN B 31 -0.39 -28.93 -9.99
CA ASN B 31 0.95 -28.85 -10.55
C ASN B 31 1.71 -27.58 -10.15
N ILE B 32 2.85 -27.77 -9.49
CA ILE B 32 3.69 -26.66 -9.04
C ILE B 32 4.84 -26.39 -9.98
N LYS B 33 5.39 -27.45 -10.57
CA LYS B 33 6.55 -27.34 -11.46
C LYS B 33 6.44 -26.20 -12.47
N THR B 34 5.22 -25.88 -12.87
CA THR B 34 4.99 -24.79 -13.82
C THR B 34 3.97 -23.79 -13.29
N THR B 35 4.05 -22.56 -13.79
CA THR B 35 3.11 -21.51 -13.38
C THR B 35 2.90 -20.53 -14.53
N LEU B 36 1.83 -19.75 -14.45
CA LEU B 36 1.50 -18.79 -15.49
C LEU B 36 1.87 -17.37 -15.07
N ILE B 37 2.62 -16.69 -15.94
CA ILE B 37 2.98 -15.29 -15.70
C ILE B 37 2.34 -14.40 -16.75
N GLU B 38 1.51 -13.45 -16.30
CA GLU B 38 0.70 -12.63 -17.20
C GLU B 38 1.31 -11.25 -17.44
N ASP B 39 0.93 -10.64 -18.55
CA ASP B 39 1.35 -9.28 -18.90
C ASP B 39 2.81 -9.19 -19.35
N VAL B 40 3.10 -8.22 -20.20
CA VAL B 40 4.41 -8.09 -20.84
C VAL B 40 5.54 -7.77 -19.86
N GLU B 41 5.34 -6.77 -19.01
CA GLU B 41 6.38 -6.35 -18.07
C GLU B 41 6.81 -7.45 -17.10
N PRO B 42 5.83 -8.11 -16.46
CA PRO B 42 6.20 -9.25 -15.60
C PRO B 42 6.98 -10.30 -16.39
N LEU B 43 6.61 -10.49 -17.66
CA LEU B 43 7.30 -11.42 -18.53
C LEU B 43 8.72 -10.97 -18.84
N MET B 44 8.87 -9.71 -19.24
CA MET B 44 10.17 -9.14 -19.54
C MET B 44 11.11 -9.25 -18.34
N HIS B 45 10.63 -8.87 -17.17
CA HIS B 45 11.44 -8.90 -15.96
C HIS B 45 11.74 -10.32 -15.50
N SER B 46 10.78 -11.23 -15.71
CA SER B 46 10.98 -12.64 -15.37
C SER B 46 12.11 -13.23 -16.20
N ILE B 47 12.03 -13.05 -17.51
CA ILE B 47 13.04 -13.57 -18.42
C ILE B 47 14.41 -13.01 -18.08
N ALA B 48 14.46 -11.72 -17.77
CA ALA B 48 15.70 -11.05 -17.41
C ALA B 48 16.29 -11.64 -16.13
N ALA B 49 15.44 -12.17 -15.27
CA ALA B 49 15.87 -12.72 -13.99
C ALA B 49 16.29 -14.19 -14.11
N GLY B 50 16.25 -14.71 -15.34
CA GLY B 50 16.68 -16.07 -15.60
C GLY B 50 15.57 -17.10 -15.50
N VAL B 51 14.36 -16.64 -15.21
CA VAL B 51 13.21 -17.55 -15.14
C VAL B 51 13.01 -18.29 -16.45
N GLU B 52 13.03 -19.60 -16.39
CA GLU B 52 12.89 -20.43 -17.59
C GLU B 52 11.44 -20.54 -18.04
N PHE B 53 11.22 -20.36 -19.34
CA PHE B 53 9.88 -20.41 -19.90
C PHE B 53 9.74 -21.58 -20.88
N ILE B 54 8.57 -22.22 -20.85
CA ILE B 54 8.26 -23.28 -21.79
C ILE B 54 7.77 -22.67 -23.10
N GLU B 55 6.82 -21.75 -22.99
CA GLU B 55 6.31 -21.05 -24.16
C GLU B 55 5.58 -19.76 -23.76
N VAL B 56 5.72 -18.73 -24.58
CA VAL B 56 5.02 -17.46 -24.38
C VAL B 56 3.92 -17.28 -25.41
N TYR B 57 2.78 -16.76 -24.98
CA TYR B 57 1.63 -16.58 -25.86
C TYR B 57 1.18 -15.12 -25.93
N GLY B 58 0.24 -14.86 -26.83
CA GLY B 58 -0.31 -13.53 -27.00
C GLY B 58 -1.61 -13.56 -27.78
N SER B 59 -2.46 -12.57 -27.56
CA SER B 59 -3.73 -12.48 -28.26
C SER B 59 -3.55 -11.94 -29.68
N ASP B 60 -4.21 -12.56 -30.64
CA ASP B 60 -4.08 -12.14 -32.04
C ASP B 60 -4.88 -10.85 -32.30
N SER B 61 -5.54 -10.35 -31.27
CA SER B 61 -6.31 -9.12 -31.38
C SER B 61 -5.56 -7.95 -30.74
N SER B 62 -4.38 -8.25 -30.21
CA SER B 62 -3.55 -7.23 -29.56
C SER B 62 -2.17 -7.18 -30.19
N PRO B 63 -1.64 -5.97 -30.39
CA PRO B 63 -0.29 -5.78 -30.93
C PRO B 63 0.77 -6.40 -30.03
N PHE B 64 1.29 -7.55 -30.42
CA PHE B 64 2.31 -8.24 -29.65
C PHE B 64 3.55 -7.36 -29.50
N PRO B 65 3.93 -7.06 -28.25
CA PRO B 65 5.03 -6.14 -27.94
C PRO B 65 6.33 -6.51 -28.64
N SER B 66 6.81 -5.61 -29.49
CA SER B 66 8.10 -5.80 -30.16
C SER B 66 9.23 -5.47 -29.20
N GLU B 67 9.89 -6.52 -28.71
CA GLU B 67 10.96 -6.44 -27.72
C GLU B 67 10.79 -7.65 -26.81
N LEU B 68 9.54 -8.05 -26.62
CA LEU B 68 9.22 -9.30 -25.95
C LEU B 68 9.44 -10.39 -26.97
N LEU B 69 8.92 -10.18 -28.17
CA LEU B 69 9.14 -11.08 -29.29
C LEU B 69 10.63 -11.22 -29.53
N ASP B 70 11.34 -10.11 -29.49
CA ASP B 70 12.79 -10.09 -29.68
C ASP B 70 13.51 -10.80 -28.54
N LEU B 71 13.18 -10.44 -27.30
CA LEU B 71 13.78 -11.07 -26.13
C LEU B 71 13.60 -12.58 -26.18
N CYS B 72 12.36 -13.01 -26.36
CA CYS B 72 12.07 -14.44 -26.47
C CYS B 72 12.88 -15.06 -27.59
N GLY B 73 13.07 -14.32 -28.67
CA GLY B 73 13.84 -14.79 -29.81
C GLY B 73 15.29 -15.07 -29.44
N ARG B 74 15.91 -14.13 -28.74
CA ARG B 74 17.31 -14.27 -28.36
C ARG B 74 17.49 -15.25 -27.21
N GLN B 75 16.36 -15.70 -26.65
CA GLN B 75 16.38 -16.66 -25.55
C GLN B 75 15.82 -18.01 -25.96
N ASN B 76 15.55 -18.16 -27.26
CA ASN B 76 15.00 -19.41 -27.79
C ASN B 76 13.66 -19.80 -27.17
N ILE B 77 12.93 -18.81 -26.68
CA ILE B 77 11.61 -19.04 -26.12
C ILE B 77 10.54 -19.04 -27.22
N PRO B 78 9.87 -20.17 -27.42
CA PRO B 78 8.80 -20.29 -28.41
C PRO B 78 7.64 -19.37 -28.10
N VAL B 79 7.06 -18.75 -29.13
CA VAL B 79 5.93 -17.86 -28.94
C VAL B 79 4.86 -18.07 -30.01
N ARG B 80 3.64 -18.34 -29.56
CA ARG B 80 2.51 -18.57 -30.46
C ARG B 80 1.36 -17.61 -30.15
N LEU B 81 0.63 -17.22 -31.19
CA LEU B 81 -0.52 -16.34 -31.03
C LEU B 81 -1.79 -17.14 -30.80
N ILE B 82 -2.72 -16.57 -30.02
CA ILE B 82 -4.00 -17.21 -29.75
C ILE B 82 -5.12 -16.21 -30.04
N ASP B 83 -6.18 -16.68 -30.70
CA ASP B 83 -7.27 -15.79 -31.10
C ASP B 83 -8.06 -15.29 -29.88
N SER B 84 -8.77 -14.18 -30.06
CA SER B 84 -9.50 -13.53 -28.97
C SER B 84 -10.41 -14.49 -28.21
N SER B 85 -11.34 -15.12 -28.92
CA SER B 85 -12.34 -15.98 -28.30
C SER B 85 -11.75 -16.91 -27.24
N ILE B 86 -10.65 -17.57 -27.57
CA ILE B 86 -10.01 -18.49 -26.64
C ILE B 86 -9.39 -17.77 -25.46
N VAL B 87 -8.72 -16.64 -25.74
CA VAL B 87 -8.12 -15.83 -24.69
C VAL B 87 -9.19 -15.30 -23.73
N ASN B 88 -10.32 -14.88 -24.30
CA ASN B 88 -11.45 -14.41 -23.49
C ASN B 88 -12.03 -15.53 -22.64
N GLN B 89 -12.04 -16.73 -23.20
CA GLN B 89 -12.48 -17.92 -22.46
C GLN B 89 -11.64 -18.05 -21.20
N LEU B 90 -10.33 -17.97 -21.39
CA LEU B 90 -9.38 -17.97 -20.27
C LEU B 90 -9.49 -16.63 -19.53
N PHE B 91 -8.93 -16.57 -18.33
CA PHE B 91 -8.90 -15.34 -17.55
C PHE B 91 -10.30 -14.83 -17.23
N LYS B 92 -10.44 -13.50 -17.20
CA LYS B 92 -11.71 -12.86 -16.88
C LYS B 92 -12.00 -13.05 -15.38
N GLY B 93 -12.53 -12.02 -14.73
CA GLY B 93 -12.94 -10.79 -15.40
C GLY B 93 -12.00 -9.61 -15.28
N GLU B 94 -10.70 -9.87 -15.19
CA GLU B 94 -9.73 -8.79 -15.31
C GLU B 94 -9.56 -8.46 -16.79
N ARG B 95 -10.63 -8.74 -17.55
CA ARG B 95 -10.65 -8.53 -18.99
C ARG B 95 -9.70 -9.49 -19.70
N LYS B 96 -8.42 -9.15 -19.70
CA LYS B 96 -7.45 -9.86 -20.52
C LYS B 96 -6.04 -9.73 -19.94
N ALA B 97 -5.25 -10.79 -20.11
CA ALA B 97 -3.83 -10.70 -19.83
C ALA B 97 -3.17 -10.14 -21.07
N LYS B 98 -3.76 -10.47 -22.23
CA LYS B 98 -3.30 -9.99 -23.54
C LYS B 98 -1.94 -10.57 -23.89
N THR B 99 -1.17 -10.92 -22.88
CA THR B 99 0.12 -11.57 -23.05
C THR B 99 0.42 -12.39 -21.80
N PHE B 100 0.99 -13.58 -21.99
CA PHE B 100 1.28 -14.47 -20.87
C PHE B 100 2.21 -15.59 -21.30
N GLY B 101 2.83 -16.26 -20.33
CA GLY B 101 3.72 -17.37 -20.63
C GLY B 101 3.71 -18.45 -19.57
N ILE B 102 4.07 -19.67 -19.98
CA ILE B 102 4.20 -20.77 -19.04
C ILE B 102 5.66 -20.88 -18.61
N ALA B 103 5.90 -20.73 -17.31
CA ALA B 103 7.26 -20.74 -16.79
C ALA B 103 7.46 -21.83 -15.74
N ARG B 104 8.65 -22.44 -15.74
CA ARG B 104 9.01 -23.38 -14.68
C ARG B 104 9.26 -22.61 -13.40
N VAL B 105 8.61 -23.02 -12.32
CA VAL B 105 8.83 -22.38 -11.03
C VAL B 105 10.29 -22.53 -10.61
N PRO B 106 10.98 -21.40 -10.42
CA PRO B 106 12.41 -21.40 -10.09
C PRO B 106 12.66 -22.02 -8.71
N ARG B 107 13.90 -22.42 -8.45
CA ARG B 107 14.30 -22.88 -7.13
C ARG B 107 14.12 -21.72 -6.16
N PRO B 108 13.98 -22.04 -4.86
CA PRO B 108 13.88 -21.00 -3.82
C PRO B 108 15.07 -20.05 -3.88
N ALA B 109 14.81 -18.76 -3.69
CA ALA B 109 15.88 -17.76 -3.74
C ALA B 109 16.77 -17.86 -2.51
N ARG B 110 18.03 -17.47 -2.67
CA ARG B 110 19.00 -17.56 -1.59
C ARG B 110 19.73 -16.23 -1.41
N PHE B 111 20.49 -16.12 -0.32
CA PHE B 111 21.27 -14.93 -0.06
C PHE B 111 22.27 -14.68 -1.19
N GLY B 112 22.76 -15.76 -1.78
CA GLY B 112 23.73 -15.66 -2.85
C GLY B 112 23.19 -14.91 -4.05
N ASP B 113 21.89 -15.01 -4.27
CA ASP B 113 21.23 -14.30 -5.37
C ASP B 113 21.18 -12.80 -5.09
N ILE B 114 21.19 -12.43 -3.82
CA ILE B 114 21.16 -11.03 -3.42
C ILE B 114 22.56 -10.44 -3.37
N ALA B 115 23.50 -11.23 -2.87
CA ALA B 115 24.88 -10.77 -2.71
C ALA B 115 25.54 -10.45 -4.04
N SER B 116 25.22 -11.23 -5.06
CA SER B 116 25.81 -11.06 -6.38
C SER B 116 25.18 -9.91 -7.15
N ARG B 117 24.08 -9.38 -6.62
CA ARG B 117 23.42 -8.22 -7.22
C ARG B 117 23.80 -6.94 -6.48
N ARG B 118 23.54 -5.81 -7.12
CA ARG B 118 23.85 -4.51 -6.53
C ARG B 118 22.57 -3.74 -6.22
N GLY B 119 22.60 -2.97 -5.13
CA GLY B 119 21.43 -2.22 -4.71
C GLY B 119 21.00 -2.60 -3.31
N ASP B 120 20.28 -1.69 -2.65
CA ASP B 120 19.83 -1.91 -1.28
C ASP B 120 18.99 -3.18 -1.14
N VAL B 121 18.95 -3.72 0.06
CA VAL B 121 18.16 -4.91 0.35
C VAL B 121 16.99 -4.57 1.26
N VAL B 122 15.79 -5.02 0.88
CA VAL B 122 14.61 -4.81 1.71
C VAL B 122 14.39 -5.99 2.66
N VAL B 123 14.34 -5.70 3.95
CA VAL B 123 14.16 -6.75 4.95
C VAL B 123 12.84 -6.55 5.69
N LEU B 124 11.93 -7.50 5.53
CA LEU B 124 10.64 -7.46 6.20
C LEU B 124 10.62 -8.42 7.38
N ASP B 125 10.12 -7.95 8.52
CA ASP B 125 10.08 -8.77 9.73
C ASP B 125 8.70 -8.73 10.37
N GLY B 126 7.98 -9.85 10.29
CA GLY B 126 6.67 -9.95 10.89
C GLY B 126 5.54 -9.58 9.95
N VAL B 127 5.88 -9.24 8.71
CA VAL B 127 4.89 -8.88 7.71
C VAL B 127 4.29 -10.14 7.09
N LYS B 128 3.01 -10.37 7.36
CA LYS B 128 2.35 -11.61 6.97
C LYS B 128 1.23 -11.41 5.96
N ILE B 129 0.65 -10.21 5.97
CA ILE B 129 -0.45 -9.90 5.05
C ILE B 129 0.03 -9.89 3.61
N VAL B 130 -0.36 -10.89 2.84
CA VAL B 130 0.12 -11.06 1.46
C VAL B 130 -0.05 -9.80 0.61
N GLY B 131 -1.10 -9.03 0.88
CA GLY B 131 -1.34 -7.79 0.17
C GLY B 131 -0.18 -6.82 0.32
N ASN B 132 0.33 -6.70 1.54
CA ASN B 132 1.46 -5.83 1.82
C ASN B 132 2.74 -6.35 1.19
N ILE B 133 2.98 -7.65 1.32
CA ILE B 133 4.16 -8.29 0.75
C ILE B 133 4.18 -8.14 -0.77
N GLY B 134 3.03 -8.36 -1.39
CA GLY B 134 2.91 -8.24 -2.83
C GLY B 134 3.23 -6.85 -3.33
N ALA B 135 2.57 -5.85 -2.77
CA ALA B 135 2.81 -4.47 -3.13
C ALA B 135 4.27 -4.08 -2.88
N ILE B 136 4.82 -4.58 -1.78
CA ILE B 136 6.22 -4.32 -1.44
C ILE B 136 7.17 -4.91 -2.47
N VAL B 137 6.80 -6.07 -3.01
CA VAL B 137 7.60 -6.70 -4.06
C VAL B 137 7.64 -5.82 -5.31
N ARG B 138 6.47 -5.32 -5.70
CA ARG B 138 6.37 -4.42 -6.86
C ARG B 138 7.18 -3.15 -6.66
N THR B 139 7.00 -2.52 -5.51
CA THR B 139 7.69 -1.26 -5.20
C THR B 139 9.19 -1.44 -5.15
N SER B 140 9.64 -2.54 -4.54
CA SER B 140 11.06 -2.82 -4.42
C SER B 140 11.69 -2.97 -5.81
N LEU B 141 11.01 -3.69 -6.69
CA LEU B 141 11.49 -3.89 -8.06
C LEU B 141 11.54 -2.57 -8.83
N ALA B 142 10.49 -1.78 -8.69
CA ALA B 142 10.35 -0.55 -9.47
C ALA B 142 11.30 0.54 -9.02
N LEU B 143 11.74 0.49 -7.76
CA LEU B 143 12.59 1.54 -7.22
C LEU B 143 14.06 1.12 -7.10
N GLY B 144 14.39 -0.06 -7.61
CA GLY B 144 15.77 -0.47 -7.74
C GLY B 144 16.38 -1.29 -6.61
N ALA B 145 15.54 -1.90 -5.79
CA ALA B 145 16.03 -2.78 -4.74
C ALA B 145 16.66 -4.02 -5.36
N SER B 146 17.72 -4.51 -4.72
CA SER B 146 18.41 -5.70 -5.22
C SER B 146 17.62 -6.97 -4.91
N GLY B 147 16.99 -6.99 -3.75
CA GLY B 147 16.24 -8.16 -3.32
C GLY B 147 15.46 -7.93 -2.05
N ILE B 148 14.71 -8.95 -1.65
CA ILE B 148 13.88 -8.86 -0.44
C ILE B 148 14.10 -10.08 0.44
N ILE B 149 14.24 -9.83 1.74
CA ILE B 149 14.37 -10.91 2.70
C ILE B 149 13.16 -10.92 3.61
N LEU B 150 12.39 -12.01 3.58
CA LEU B 150 11.19 -12.13 4.38
C LEU B 150 11.44 -12.93 5.65
N VAL B 151 11.20 -12.30 6.79
CA VAL B 151 11.35 -12.96 8.08
C VAL B 151 10.01 -13.01 8.81
N ASP B 152 9.64 -14.20 9.29
CA ASP B 152 8.40 -14.38 10.02
C ASP B 152 7.19 -13.93 9.19
N SER B 153 7.10 -14.45 7.96
CA SER B 153 6.04 -14.04 7.05
C SER B 153 5.00 -15.13 6.86
N ASP B 154 5.22 -16.28 7.47
CA ASP B 154 4.32 -17.43 7.34
C ASP B 154 4.21 -17.93 5.90
N ILE B 155 5.10 -17.45 5.04
CA ILE B 155 5.16 -17.92 3.66
C ILE B 155 6.14 -19.09 3.55
N THR B 156 5.65 -20.23 3.08
CA THR B 156 6.48 -21.42 2.92
C THR B 156 7.15 -21.45 1.55
N SER B 157 6.42 -21.01 0.53
CA SER B 157 6.95 -20.98 -0.82
C SER B 157 6.56 -19.67 -1.50
N ILE B 158 7.47 -19.15 -2.34
CA ILE B 158 7.25 -17.87 -3.00
C ILE B 158 6.31 -18.02 -4.19
N ALA B 159 6.10 -19.26 -4.62
CA ALA B 159 5.22 -19.55 -5.76
C ALA B 159 3.75 -19.53 -5.33
N ASP B 160 3.51 -19.25 -4.06
CA ASP B 160 2.16 -19.14 -3.54
C ASP B 160 1.35 -18.24 -4.45
N ARG B 161 0.30 -18.77 -5.07
CA ARG B 161 -0.46 -18.02 -6.06
C ARG B 161 -1.04 -16.73 -5.50
N ARG B 162 -1.41 -16.73 -4.23
CA ARG B 162 -1.87 -15.52 -3.57
C ARG B 162 -0.79 -14.45 -3.63
N LEU B 163 0.46 -14.87 -3.42
CA LEU B 163 1.60 -13.93 -3.48
C LEU B 163 1.90 -13.54 -4.92
N GLN B 164 1.79 -14.50 -5.83
CA GLN B 164 2.00 -14.22 -7.25
C GLN B 164 1.03 -13.15 -7.74
N ARG B 165 -0.24 -13.30 -7.37
CA ARG B 165 -1.27 -12.37 -7.81
C ARG B 165 -1.13 -11.02 -7.12
N ALA B 166 -0.81 -11.04 -5.83
CA ALA B 166 -0.63 -9.83 -5.06
C ALA B 166 0.56 -9.02 -5.56
N SER B 167 1.51 -9.70 -6.19
CA SER B 167 2.73 -9.07 -6.66
C SER B 167 2.64 -8.69 -8.13
N ARG B 168 1.46 -8.85 -8.72
CA ARG B 168 1.26 -8.55 -10.13
C ARG B 168 2.13 -9.43 -11.02
N GLY B 169 2.60 -10.54 -10.46
CA GLY B 169 3.43 -11.48 -11.19
C GLY B 169 4.90 -11.09 -11.21
N TYR B 170 5.31 -10.31 -10.23
CA TYR B 170 6.69 -9.83 -10.16
C TYR B 170 7.52 -10.56 -9.10
N VAL B 171 6.92 -11.58 -8.48
CA VAL B 171 7.56 -12.27 -7.36
C VAL B 171 8.84 -13.01 -7.76
N PHE B 172 9.04 -13.20 -9.06
CA PHE B 172 10.23 -13.88 -9.55
C PHE B 172 11.20 -12.91 -10.22
N SER B 173 10.80 -11.64 -10.29
CA SER B 173 11.60 -10.63 -10.99
C SER B 173 12.79 -10.15 -10.15
N LEU B 174 12.79 -10.50 -8.87
CA LEU B 174 13.92 -10.20 -8.00
C LEU B 174 13.94 -11.18 -6.84
N PRO B 175 15.14 -11.53 -6.37
CA PRO B 175 15.30 -12.50 -5.28
C PRO B 175 14.44 -12.16 -4.06
N VAL B 176 13.49 -13.02 -3.75
CA VAL B 176 12.69 -12.91 -2.53
C VAL B 176 13.02 -14.09 -1.63
N VAL B 177 13.87 -13.86 -0.65
CA VAL B 177 14.42 -14.94 0.18
C VAL B 177 13.63 -15.17 1.46
N LEU B 178 13.25 -16.42 1.68
CA LEU B 178 12.61 -16.82 2.94
C LEU B 178 13.68 -17.25 3.92
N SER B 179 13.74 -16.58 5.06
CA SER B 179 14.84 -16.80 6.01
C SER B 179 14.42 -16.66 7.47
N GLY B 180 15.15 -17.33 8.36
CA GLY B 180 14.98 -17.14 9.78
C GLY B 180 15.63 -15.83 10.20
N ARG B 181 15.25 -15.33 11.37
CA ARG B 181 15.77 -14.04 11.86
C ARG B 181 17.28 -14.06 12.02
N GLU B 182 17.80 -15.09 12.69
CA GLU B 182 19.23 -15.20 12.95
C GLU B 182 20.05 -15.28 11.67
N GLU B 183 19.57 -16.07 10.71
CA GLU B 183 20.25 -16.25 9.44
C GLU B 183 20.34 -14.94 8.67
N ALA B 184 19.24 -14.20 8.64
CA ALA B 184 19.19 -12.92 7.95
C ALA B 184 20.20 -11.94 8.55
N ILE B 185 20.21 -11.85 9.88
CA ILE B 185 21.13 -10.97 10.57
C ILE B 185 22.58 -11.31 10.27
N ALA B 186 22.88 -12.60 10.28
CA ALA B 186 24.24 -13.09 10.01
C ALA B 186 24.68 -12.71 8.60
N PHE B 187 23.79 -12.89 7.63
CA PHE B 187 24.10 -12.54 6.24
C PHE B 187 24.36 -11.05 6.09
N ILE B 188 23.46 -10.24 6.61
CA ILE B 188 23.60 -8.79 6.52
C ILE B 188 24.91 -8.33 7.17
N ARG B 189 25.21 -8.91 8.33
CA ARG B 189 26.42 -8.58 9.06
C ARG B 189 27.69 -8.88 8.26
N ASP B 190 27.78 -10.12 7.80
CA ASP B 190 29.00 -10.61 7.14
C ASP B 190 29.11 -10.16 5.69
N SER B 191 28.07 -9.51 5.18
CA SER B 191 28.04 -9.07 3.79
C SER B 191 28.57 -7.66 3.62
N GLY B 192 28.78 -6.98 4.74
CA GLY B 192 29.31 -5.62 4.73
C GLY B 192 28.23 -4.56 4.57
N MET B 193 26.98 -4.98 4.60
CA MET B 193 25.86 -4.05 4.47
C MET B 193 25.55 -3.35 5.79
N GLN B 194 24.99 -2.15 5.71
CA GLN B 194 24.62 -1.38 6.89
C GLN B 194 23.12 -1.50 7.17
N LEU B 195 22.78 -2.22 8.23
CA LEU B 195 21.38 -2.41 8.61
C LEU B 195 20.77 -1.10 9.12
N MET B 196 19.68 -0.67 8.48
CA MET B 196 19.00 0.55 8.88
C MET B 196 17.57 0.22 9.29
N THR B 197 17.21 0.54 10.53
CA THR B 197 15.88 0.26 11.04
C THR B 197 14.96 1.47 10.89
N LEU B 198 13.97 1.37 10.01
CA LEU B 198 13.03 2.47 9.81
C LEU B 198 11.94 2.47 10.87
N LYS B 199 11.79 3.60 11.56
CA LYS B 199 10.77 3.75 12.60
C LYS B 199 10.31 5.21 12.71
N ALA B 200 9.03 5.40 13.00
CA ALA B 200 8.46 6.72 13.17
C ALA B 200 9.25 7.58 14.16
N ASP B 201 9.81 6.95 15.18
CA ASP B 201 10.59 7.66 16.19
C ASP B 201 12.09 7.39 16.03
N GLY B 202 12.54 7.30 14.78
CA GLY B 202 13.93 7.05 14.48
C GLY B 202 14.80 8.27 14.71
N ASP B 203 16.09 8.05 14.91
CA ASP B 203 17.02 9.14 15.17
C ASP B 203 17.30 9.94 13.92
N ILE B 204 17.42 9.25 12.80
CA ILE B 204 17.83 9.89 11.55
C ILE B 204 16.65 10.12 10.61
N SER B 205 16.63 11.28 9.97
CA SER B 205 15.61 11.58 8.97
C SER B 205 15.83 10.75 7.72
N VAL B 206 14.74 10.27 7.12
CA VAL B 206 14.82 9.46 5.91
C VAL B 206 15.42 10.27 4.76
N LYS B 207 15.37 11.59 4.89
CA LYS B 207 15.86 12.48 3.84
C LYS B 207 17.38 12.44 3.77
N GLU B 208 18.00 11.86 4.78
CA GLU B 208 19.46 11.81 4.84
C GLU B 208 20.02 10.51 4.26
N LEU B 209 19.13 9.62 3.83
CA LEU B 209 19.54 8.33 3.29
C LEU B 209 20.32 8.48 1.99
N GLY B 210 19.98 9.50 1.21
CA GLY B 210 20.62 9.72 -0.07
C GLY B 210 22.10 10.02 0.05
N ASP B 211 22.53 10.44 1.24
CA ASP B 211 23.92 10.79 1.48
C ASP B 211 24.78 9.56 1.76
N ASN B 212 24.14 8.47 2.16
CA ASN B 212 24.86 7.25 2.55
C ASN B 212 25.44 6.51 1.34
N PRO B 213 26.77 6.33 1.33
CA PRO B 213 27.47 5.68 0.20
C PRO B 213 27.49 4.17 0.30
N ASP B 214 27.06 3.62 1.43
CA ASP B 214 27.10 2.18 1.65
C ASP B 214 25.87 1.47 1.10
N ARG B 215 26.00 0.18 0.83
CA ARG B 215 24.87 -0.65 0.47
C ARG B 215 24.01 -0.89 1.71
N LEU B 216 22.75 -0.52 1.64
CA LEU B 216 21.88 -0.54 2.82
C LEU B 216 20.94 -1.73 2.88
N ALA B 217 20.72 -2.22 4.09
CA ALA B 217 19.66 -3.19 4.35
C ALA B 217 18.55 -2.49 5.13
N LEU B 218 17.48 -2.13 4.44
CA LEU B 218 16.38 -1.39 5.05
C LEU B 218 15.40 -2.34 5.74
N LEU B 219 15.26 -2.18 7.05
CA LEU B 219 14.45 -3.10 7.86
C LEU B 219 13.10 -2.50 8.22
N PHE B 220 12.04 -3.25 7.94
CA PHE B 220 10.68 -2.83 8.26
C PHE B 220 9.97 -3.89 9.12
N GLY B 221 9.02 -3.44 9.93
CA GLY B 221 8.21 -4.34 10.74
C GLY B 221 6.76 -4.34 10.29
N SER B 222 5.89 -4.92 11.11
CA SER B 222 4.46 -4.96 10.80
C SER B 222 3.66 -4.12 11.78
N GLU B 223 4.22 -3.90 12.96
CA GLU B 223 3.60 -3.06 13.98
C GLU B 223 4.41 -1.77 14.13
N LYS B 224 3.79 -0.73 14.67
CA LYS B 224 4.47 0.55 14.88
C LYS B 224 5.63 0.40 15.86
N GLY B 225 5.66 -0.74 16.54
CA GLY B 225 6.76 -1.08 17.43
C GLY B 225 7.77 -1.99 16.77
N GLY B 226 7.32 -2.67 15.71
CA GLY B 226 8.18 -3.54 14.94
C GLY B 226 9.28 -2.79 14.23
N PRO B 227 10.30 -3.51 13.75
CA PRO B 227 10.41 -4.97 13.88
C PRO B 227 10.98 -5.40 15.24
N SER B 228 11.13 -6.71 15.42
CA SER B 228 11.65 -7.27 16.66
C SER B 228 12.82 -6.47 17.21
N ASP B 229 12.75 -6.14 18.50
CA ASP B 229 13.81 -5.41 19.17
C ASP B 229 15.12 -6.20 19.14
N LEU B 230 15.01 -7.48 18.85
CA LEU B 230 16.18 -8.36 18.74
C LEU B 230 17.05 -7.95 17.57
N PHE B 231 16.47 -7.21 16.62
CA PHE B 231 17.21 -6.69 15.48
C PHE B 231 18.10 -5.52 15.90
N GLU B 232 17.74 -4.85 16.99
CA GLU B 232 18.48 -3.69 17.47
C GLU B 232 19.98 -3.93 17.58
N GLU B 233 20.35 -5.14 17.98
CA GLU B 233 21.75 -5.51 18.07
C GLU B 233 22.49 -5.26 16.77
N ALA B 234 21.99 -5.84 15.69
CA ALA B 234 22.62 -5.70 14.38
C ALA B 234 22.37 -4.32 13.79
N SER B 235 21.30 -3.67 14.24
CA SER B 235 20.89 -2.38 13.68
C SER B 235 21.96 -1.31 13.90
N SER B 236 22.31 -0.63 12.81
CA SER B 236 23.33 0.42 12.86
C SER B 236 22.71 1.78 13.20
N ALA B 237 21.49 2.00 12.74
CA ALA B 237 20.80 3.26 13.01
C ALA B 237 19.30 3.16 12.77
N SER B 238 18.54 4.04 13.41
CA SER B 238 17.10 4.10 13.21
C SER B 238 16.72 5.30 12.33
N VAL B 239 15.94 5.03 11.29
CA VAL B 239 15.55 6.07 10.33
C VAL B 239 14.06 6.39 10.42
N SER B 240 13.74 7.68 10.44
CA SER B 240 12.35 8.12 10.61
C SER B 240 11.82 8.91 9.42
N ILE B 241 10.56 8.67 9.07
CA ILE B 241 9.88 9.44 8.04
C ILE B 241 9.02 10.52 8.68
N PRO B 242 9.37 11.79 8.43
CA PRO B 242 8.67 12.94 9.03
C PRO B 242 7.17 12.90 8.76
N MET B 243 6.38 13.10 9.81
CA MET B 243 4.93 13.20 9.70
C MET B 243 4.46 14.42 10.46
N MET B 244 3.16 14.70 10.41
CA MET B 244 2.61 15.82 11.17
C MET B 244 3.06 15.73 12.62
N SER B 245 2.90 14.55 13.19
CA SER B 245 3.46 14.22 14.49
C SER B 245 4.08 12.83 14.39
N GLN B 246 5.04 12.54 15.27
CA GLN B 246 5.72 11.25 15.21
C GLN B 246 4.99 10.19 16.03
N THR B 247 3.76 10.48 16.42
CA THR B 247 2.94 9.53 17.16
C THR B 247 2.09 8.72 16.19
N GLU B 248 1.96 9.22 14.97
CA GLU B 248 1.21 8.53 13.93
C GLU B 248 2.01 7.33 13.45
N SER B 249 1.83 6.99 12.18
CA SER B 249 2.59 5.94 11.53
C SER B 249 2.10 5.75 10.10
N LEU B 250 2.91 5.09 9.27
CA LEU B 250 2.54 4.84 7.89
C LEU B 250 2.41 3.35 7.62
N ASN B 251 1.63 3.00 6.60
CA ASN B 251 1.55 1.62 6.13
C ASN B 251 2.95 1.17 5.70
N VAL B 252 3.30 -0.06 6.05
CA VAL B 252 4.65 -0.57 5.78
C VAL B 252 5.04 -0.44 4.31
N SER B 253 4.11 -0.71 3.42
CA SER B 253 4.36 -0.59 1.98
C SER B 253 4.59 0.85 1.57
N VAL B 254 3.86 1.77 2.22
CA VAL B 254 4.03 3.19 1.96
C VAL B 254 5.37 3.67 2.51
N SER B 255 5.73 3.20 3.70
CA SER B 255 7.01 3.54 4.31
C SER B 255 8.16 3.05 3.44
N LEU B 256 8.00 1.86 2.86
CA LEU B 256 9.01 1.30 1.98
C LEU B 256 9.21 2.16 0.74
N GLY B 257 8.11 2.61 0.16
CA GLY B 257 8.15 3.41 -1.05
C GLY B 257 8.95 4.69 -0.85
N ILE B 258 8.69 5.38 0.26
CA ILE B 258 9.38 6.62 0.57
C ILE B 258 10.87 6.39 0.80
N ALA B 259 11.20 5.36 1.57
CA ALA B 259 12.60 5.05 1.86
C ALA B 259 13.38 4.75 0.59
N LEU B 260 12.84 3.88 -0.25
CA LEU B 260 13.48 3.54 -1.52
C LEU B 260 13.53 4.74 -2.45
N HIS B 261 12.52 5.61 -2.35
CA HIS B 261 12.48 6.82 -3.15
C HIS B 261 13.67 7.73 -2.84
N GLU B 262 14.03 7.81 -1.57
CA GLU B 262 15.16 8.64 -1.15
C GLU B 262 16.49 8.01 -1.56
N ARG B 263 16.46 6.71 -1.84
CA ARG B 263 17.67 5.98 -2.21
C ARG B 263 17.77 5.75 -3.71
N ILE B 264 16.81 6.28 -4.45
CA ILE B 264 16.71 6.00 -5.88
C ILE B 264 18.01 6.27 -6.64
N ASP B 265 18.69 7.36 -6.29
CA ASP B 265 19.94 7.72 -6.95
C ASP B 265 21.08 6.76 -6.58
N ARG B 266 21.16 6.39 -5.31
CA ARG B 266 22.18 5.46 -4.86
C ARG B 266 21.99 4.08 -5.47
N ASN B 267 20.74 3.70 -5.69
CA ASN B 267 20.42 2.40 -6.28
C ASN B 267 20.53 2.40 -7.80
N LEU B 268 20.51 3.59 -8.39
CA LEU B 268 20.75 3.74 -9.82
C LEU B 268 22.24 3.76 -10.08
N ALA B 269 22.98 4.41 -9.19
CA ALA B 269 24.44 4.46 -9.28
C ALA B 269 25.02 3.06 -9.10
N ALA B 270 24.40 2.26 -8.25
CA ALA B 270 24.82 0.89 -8.01
C ALA B 270 24.72 0.06 -9.27
N ASN B 271 23.79 0.44 -10.15
CA ASN B 271 23.55 -0.26 -11.40
C ASN B 271 24.10 0.51 -12.60
N SAM C . -1.32 -0.84 -11.47
CA SAM C . -1.01 -0.27 -10.18
C SAM C . -1.93 -0.83 -9.09
O SAM C . -2.95 -0.21 -8.74
OXT SAM C . -1.67 -1.89 -8.53
CB SAM C . -1.15 1.25 -10.24
CG SAM C . -2.41 1.72 -10.93
SD SAM C . -2.34 3.47 -11.35
CE SAM C . -0.95 3.46 -12.52
C5' SAM C . -1.51 4.16 -9.90
C4' SAM C . -1.85 5.63 -9.70
O4' SAM C . -0.78 6.26 -9.05
C3' SAM C . -2.04 6.31 -11.05
O3' SAM C . -3.35 6.80 -11.19
C2' SAM C . -1.07 7.46 -11.08
O2' SAM C . -1.78 8.68 -10.97
C1' SAM C . -0.19 7.27 -9.85
N9 SAM C . 1.14 6.83 -10.27
C8 SAM C . 1.51 5.54 -10.57
N7 SAM C . 2.82 5.54 -10.93
C5 SAM C . 3.28 6.81 -10.86
C6 SAM C . 4.53 7.36 -11.12
N6 SAM C . 5.55 6.58 -11.51
N1 SAM C . 4.72 8.72 -10.97
C2 SAM C . 3.67 9.52 -10.57
N3 SAM C . 2.44 8.96 -10.31
C4 SAM C . 2.24 7.63 -10.45
N SAM D . 0.33 -0.48 13.47
CA SAM D . 0.94 0.84 13.30
C SAM D . 0.04 1.97 13.77
O SAM D . 0.29 2.59 14.80
OXT SAM D . -0.96 2.30 13.13
CB SAM D . 1.36 1.05 11.85
CG SAM D . 1.95 -0.19 11.18
SD SAM D . 3.76 -0.21 11.41
CE SAM D . 4.06 1.57 11.41
C5' SAM D . 4.34 -0.70 9.77
C4' SAM D . 5.83 -0.43 9.53
O4' SAM D . 6.03 0.79 8.84
C3' SAM D . 6.63 -0.35 10.82
O3' SAM D . 7.34 -1.53 11.06
C2' SAM D . 7.59 0.79 10.62
O2' SAM D . 8.91 0.31 10.54
C1' SAM D . 7.21 1.43 9.30
N9 SAM D . 6.96 2.87 9.47
C8 SAM D . 5.75 3.45 9.72
N7 SAM D . 5.92 4.79 9.83
C5 SAM D . 7.22 5.07 9.66
C6 SAM D . 7.92 6.26 9.67
N6 SAM D . 7.27 7.41 9.88
N1 SAM D . 9.29 6.26 9.47
C2 SAM D . 9.94 5.07 9.25
N3 SAM D . 9.24 3.88 9.23
C4 SAM D . 7.89 3.87 9.43
#